data_6HZB
#
_entry.id   6HZB
#
_cell.length_a   131.616
_cell.length_b   131.616
_cell.length_c   155.565
_cell.angle_alpha   90.00
_cell.angle_beta   90.00
_cell.angle_gamma   120.00
#
_symmetry.space_group_name_H-M   'P 65 2 2'
#
loop_
_entity.id
_entity.type
_entity.pdbx_description
1 polymer Furin
2 polymer ARG-ARG-LYS-LYS-00S
3 non-polymer 'CALCIUM ION'
4 non-polymer 'SODIUM ION'
5 non-polymer 'CHLORIDE ION'
6 non-polymer 'PHOSPHATE ION'
7 non-polymer 'DIMETHYL SULFOXIDE'
8 non-polymer PENTANEDIAL
9 water water
#
loop_
_entity_poly.entity_id
_entity_poly.type
_entity_poly.pdbx_seq_one_letter_code
_entity_poly.pdbx_strand_id
1 'polypeptide(L)'
;DVYQEPTDPKFPQQWYLSGVTQRDLNVKAAWAQGYTGHGIVVSILDDGIEKNHPDLAGNYDPGASFDVNDQDPDPQPRYT
QMNDNRHGTRCAGEVAAVANNGVCGVGVAYNARIGGVRMLDGEVTDAVEARSLGLNPNHIHIYSASWGPEDDGKTVDGPA
RLAEEAFFRGVSQGRGGLGSIFVWASGNGGREHDSCNCDGYTNSIYTLSISSATQFGNVPWYSEACSSTLATTYSSGNQN
EKQIVTTDLRQKCTESHTGTSASAPLAAGIIALTLEANKNLTWRDMQHLVVQTSKPAHLNANDWATNGVGRKVSHSYGYG
LLDAGAMVALAQNWTTVAPQRKCIIDILTEPKDIGKRLEVRKTVTACLGEPNHITRLEHAQARLTLSYNRRGDLAIHLVS
PMGTRSTLLAARPHDYSADGFNDWAFMTTHSWDEDPSGEWVLEIENTSEANNYGTLTKFTLVLYGTASGSLVPRGSHHHH
HH
;
A
2 'polypeptide(L)' RRKK(00S) B
#
loop_
_chem_comp.id
_chem_comp.type
_chem_comp.name
_chem_comp.formula
00S non-polymer 4-(aminomethyl)benzenecarboximidamide 'C8 H11 N3'
CA non-polymer 'CALCIUM ION' 'Ca 2'
CL non-polymer 'CHLORIDE ION' 'Cl -1'
DMS non-polymer 'DIMETHYL SULFOXIDE' 'C2 H6 O S'
NA non-polymer 'SODIUM ION' 'Na 1'
PO4 non-polymer 'PHOSPHATE ION' 'O4 P -3'
PTD non-polymer PENTANEDIAL 'C5 H8 O2'
#
# COMPACT_ATOMS: atom_id res chain seq x y z
N VAL A 2 12.10 -16.92 -28.11
CA VAL A 2 11.91 -17.58 -26.82
C VAL A 2 12.61 -16.76 -25.72
N TYR A 3 11.87 -16.43 -24.66
CA TYR A 3 12.43 -15.63 -23.59
C TYR A 3 13.47 -16.43 -22.81
N GLN A 4 14.60 -15.80 -22.52
CA GLN A 4 15.66 -16.40 -21.71
C GLN A 4 15.69 -15.70 -20.36
N GLU A 5 15.52 -16.46 -19.29
CA GLU A 5 15.49 -15.90 -17.95
C GLU A 5 16.88 -15.43 -17.54
N PRO A 6 16.97 -14.54 -16.55
CA PRO A 6 18.27 -13.96 -16.19
C PRO A 6 19.28 -15.01 -15.76
N THR A 7 20.55 -14.70 -16.00
CA THR A 7 21.65 -15.57 -15.65
C THR A 7 22.39 -15.11 -14.40
N ASP A 8 21.89 -14.05 -13.75
CA ASP A 8 22.58 -13.48 -12.61
C ASP A 8 22.83 -14.56 -11.53
N PRO A 9 23.94 -14.45 -10.81
CA PRO A 9 24.34 -15.56 -9.91
C PRO A 9 23.35 -15.84 -8.81
N LYS A 10 22.62 -14.83 -8.32
CA LYS A 10 21.66 -15.05 -7.24
C LYS A 10 20.22 -15.12 -7.74
N PHE A 11 19.99 -15.03 -9.06
CA PHE A 11 18.62 -15.18 -9.55
C PHE A 11 17.98 -16.50 -9.13
N PRO A 12 18.69 -17.65 -9.13
CA PRO A 12 18.05 -18.88 -8.64
C PRO A 12 17.55 -18.82 -7.20
N GLN A 13 18.06 -17.90 -6.39
CA GLN A 13 17.59 -17.73 -5.02
C GLN A 13 16.40 -16.78 -4.90
N GLN A 14 15.97 -16.16 -6.00
CA GLN A 14 14.81 -15.25 -5.95
C GLN A 14 13.53 -16.05 -6.17
N TRP A 15 13.25 -16.89 -5.16
CA TRP A 15 12.13 -17.83 -5.19
C TRP A 15 10.79 -17.13 -5.42
N TYR A 16 10.68 -15.86 -5.07
CA TYR A 16 9.43 -15.12 -5.16
C TYR A 16 9.14 -14.59 -6.56
N LEU A 17 10.12 -14.59 -7.46
CA LEU A 17 9.90 -14.08 -8.80
C LEU A 17 9.31 -15.14 -9.74
N SER A 18 9.75 -16.39 -9.61
CA SER A 18 9.31 -17.43 -10.51
C SER A 18 9.63 -18.79 -9.90
N GLY A 19 9.04 -19.82 -10.47
CA GLY A 19 9.33 -21.18 -10.07
C GLY A 19 8.27 -22.14 -10.55
N VAL A 20 8.63 -23.42 -10.53
CA VAL A 20 7.66 -24.46 -10.86
C VAL A 20 6.58 -24.58 -9.78
N THR A 21 6.82 -24.01 -8.60
CA THR A 21 6.03 -24.35 -7.42
C THR A 21 4.71 -23.60 -7.31
N GLN A 22 4.55 -22.45 -7.97
CA GLN A 22 3.40 -21.56 -7.95
C GLN A 22 3.42 -20.59 -6.73
N ARG A 23 4.31 -20.81 -5.75
CA ARG A 23 4.49 -19.84 -4.66
C ARG A 23 5.41 -18.71 -5.12
N ASP A 24 4.92 -17.91 -6.07
CA ASP A 24 5.67 -16.76 -6.55
C ASP A 24 4.71 -15.68 -7.04
N LEU A 25 5.30 -14.55 -7.45
CA LEU A 25 4.56 -13.37 -7.94
C LEU A 25 4.34 -13.40 -9.43
N ASN A 26 4.69 -14.51 -10.10
CA ASN A 26 4.41 -14.72 -11.51
C ASN A 26 5.05 -13.62 -12.37
N VAL A 27 6.28 -13.27 -12.03
CA VAL A 27 6.94 -12.15 -12.71
C VAL A 27 7.58 -12.62 -14.02
N LYS A 28 8.09 -13.84 -14.07
CA LYS A 28 8.68 -14.32 -15.32
C LYS A 28 7.65 -14.34 -16.44
N ALA A 29 6.39 -14.62 -16.12
CA ALA A 29 5.34 -14.58 -17.13
C ALA A 29 5.20 -13.19 -17.74
N ALA A 30 5.37 -12.14 -16.93
CA ALA A 30 5.35 -10.79 -17.49
C ALA A 30 6.58 -10.51 -18.34
N TRP A 31 7.76 -10.93 -17.86
CA TRP A 31 8.98 -10.79 -18.67
C TRP A 31 8.81 -11.45 -20.04
N ALA A 32 8.24 -12.66 -20.07
CA ALA A 32 8.07 -13.38 -21.32
C ALA A 32 7.07 -12.72 -22.25
N GLN A 33 6.11 -11.97 -21.71
CA GLN A 33 5.23 -11.16 -22.55
C GLN A 33 5.94 -9.93 -23.12
N GLY A 34 7.18 -9.67 -22.69
CA GLY A 34 7.94 -8.55 -23.20
C GLY A 34 8.05 -7.36 -22.27
N TYR A 35 7.64 -7.47 -21.02
CA TYR A 35 7.59 -6.34 -20.12
C TYR A 35 8.66 -6.49 -19.04
N THR A 36 9.64 -5.59 -19.08
CA THR A 36 10.73 -5.59 -18.13
C THR A 36 10.91 -4.23 -17.47
N GLY A 37 10.07 -3.25 -17.82
CA GLY A 37 10.12 -1.95 -17.19
C GLY A 37 10.74 -0.86 -18.02
N HIS A 38 11.11 -1.14 -19.28
N HIS A 38 11.12 -1.14 -19.28
CA HIS A 38 11.74 -0.13 -20.11
CA HIS A 38 11.71 -0.14 -20.15
C HIS A 38 10.86 1.12 -20.18
C HIS A 38 10.84 1.12 -20.18
N GLY A 39 11.48 2.27 -19.92
CA GLY A 39 10.79 3.55 -20.01
C GLY A 39 10.02 3.98 -18.77
N ILE A 40 9.93 3.15 -17.75
CA ILE A 40 9.24 3.51 -16.52
C ILE A 40 10.25 3.98 -15.50
N VAL A 41 9.84 4.95 -14.67
CA VAL A 41 10.71 5.60 -13.69
C VAL A 41 10.13 5.38 -12.30
N VAL A 42 10.92 4.77 -11.41
CA VAL A 42 10.52 4.53 -10.02
C VAL A 42 11.48 5.26 -9.10
N SER A 43 10.94 5.86 -8.03
CA SER A 43 11.79 6.51 -7.04
C SER A 43 11.56 5.88 -5.66
N ILE A 44 12.65 5.58 -4.97
CA ILE A 44 12.63 5.04 -3.62
C ILE A 44 12.78 6.20 -2.64
N LEU A 45 11.74 6.47 -1.84
CA LEU A 45 11.81 7.53 -0.83
C LEU A 45 12.33 6.88 0.45
N ASP A 46 13.61 7.11 0.78
CA ASP A 46 14.19 6.37 1.90
C ASP A 46 15.41 7.10 2.43
N ASP A 47 16.44 6.34 2.84
CA ASP A 47 17.65 6.91 3.42
C ASP A 47 18.75 7.11 2.40
N GLY A 48 18.44 7.05 1.12
CA GLY A 48 19.42 7.22 0.07
C GLY A 48 19.53 5.98 -0.82
N ILE A 49 20.28 6.15 -1.91
CA ILE A 49 20.49 5.07 -2.87
C ILE A 49 21.95 5.08 -3.29
N GLU A 50 22.60 3.91 -3.27
CA GLU A 50 24.00 3.84 -3.69
C GLU A 50 24.01 3.85 -5.22
N LYS A 51 24.14 5.06 -5.78
CA LYS A 51 23.89 5.22 -7.21
C LYS A 51 24.95 4.56 -8.06
N ASN A 52 26.12 4.27 -7.48
CA ASN A 52 27.22 3.62 -8.17
C ASN A 52 27.28 2.13 -7.87
N HIS A 53 26.26 1.57 -7.22
CA HIS A 53 26.25 0.14 -6.96
C HIS A 53 26.34 -0.61 -8.29
N PRO A 54 27.18 -1.64 -8.38
CA PRO A 54 27.32 -2.37 -9.66
C PRO A 54 26.03 -2.97 -10.19
N ASP A 55 25.01 -3.20 -9.34
CA ASP A 55 23.74 -3.69 -9.85
C ASP A 55 22.67 -2.61 -9.97
N LEU A 56 23.01 -1.33 -9.70
CA LEU A 56 22.06 -0.24 -9.89
C LEU A 56 22.53 0.81 -10.90
N ALA A 57 23.84 0.97 -11.08
CA ALA A 57 24.38 2.06 -11.90
C ALA A 57 23.77 2.09 -13.29
N GLY A 58 23.59 0.91 -13.90
CA GLY A 58 23.08 0.87 -15.27
C GLY A 58 21.65 1.35 -15.41
N ASN A 59 20.86 1.31 -14.33
CA ASN A 59 19.47 1.78 -14.34
C ASN A 59 19.28 3.10 -13.61
N TYR A 60 20.33 3.64 -12.98
CA TYR A 60 20.17 4.80 -12.12
C TYR A 60 19.72 6.03 -12.90
N ASP A 61 18.81 6.79 -12.30
CA ASP A 61 18.23 7.98 -12.94
C ASP A 61 18.35 9.16 -12.00
N PRO A 62 19.27 10.10 -12.26
CA PRO A 62 19.35 11.30 -11.42
C PRO A 62 18.08 12.14 -11.43
N GLY A 63 17.30 12.07 -12.52
CA GLY A 63 16.03 12.79 -12.56
C GLY A 63 14.99 12.23 -11.62
N ALA A 64 15.20 11.02 -11.12
CA ALA A 64 14.31 10.38 -10.16
C ALA A 64 14.83 10.52 -8.73
N SER A 65 15.81 11.39 -8.51
CA SER A 65 16.57 11.39 -7.27
C SER A 65 16.74 12.80 -6.74
N PHE A 66 16.88 12.89 -5.43
CA PHE A 66 17.21 14.14 -4.76
C PHE A 66 17.59 13.80 -3.33
N ASP A 67 18.31 14.72 -2.69
CA ASP A 67 18.68 14.60 -1.28
C ASP A 67 17.96 15.72 -0.56
N VAL A 68 16.82 15.38 0.06
CA VAL A 68 16.04 16.36 0.79
C VAL A 68 16.67 16.65 2.14
N ASN A 69 17.33 15.67 2.75
CA ASN A 69 17.96 15.89 4.05
C ASN A 69 19.06 16.94 3.99
N ASP A 70 19.91 16.90 2.96
CA ASP A 70 21.01 17.86 2.84
C ASP A 70 20.78 18.91 1.76
N GLN A 71 19.64 18.88 1.08
CA GLN A 71 19.29 19.87 0.05
C GLN A 71 20.35 19.90 -1.06
N ASP A 72 20.51 18.77 -1.74
CA ASP A 72 21.38 18.69 -2.90
C ASP A 72 20.84 17.59 -3.81
N PRO A 73 21.35 17.49 -5.05
CA PRO A 73 20.79 16.49 -5.98
C PRO A 73 21.25 15.07 -5.76
N ASP A 74 22.28 14.84 -4.94
CA ASP A 74 22.95 13.55 -4.86
C ASP A 74 22.42 12.72 -3.70
N PRO A 75 21.69 11.62 -3.96
CA PRO A 75 21.07 10.87 -2.87
C PRO A 75 21.96 9.82 -2.23
N GLN A 76 23.28 9.92 -2.44
CA GLN A 76 24.21 8.92 -1.95
C GLN A 76 24.00 8.74 -0.44
N PRO A 77 23.96 7.50 0.05
CA PRO A 77 23.77 7.29 1.48
C PRO A 77 24.97 7.78 2.29
N ARG A 78 24.69 8.11 3.55
CA ARG A 78 25.74 8.46 4.51
C ARG A 78 26.34 7.19 5.09
N TYR A 79 27.64 6.97 4.87
CA TYR A 79 28.25 5.72 5.29
C TYR A 79 28.66 5.78 6.76
N THR A 80 28.32 4.72 7.50
CA THR A 80 28.66 4.60 8.91
C THR A 80 29.10 3.18 9.20
N GLN A 81 29.77 3.00 10.35
CA GLN A 81 30.23 1.67 10.75
C GLN A 81 29.08 0.68 10.87
N MET A 82 27.90 1.12 11.29
CA MET A 82 26.77 0.22 11.46
C MET A 82 26.05 -0.06 10.15
N ASN A 83 26.40 0.62 9.06
CA ASN A 83 25.69 0.52 7.79
C ASN A 83 24.20 0.80 7.98
N ASP A 84 23.90 1.85 8.75
CA ASP A 84 22.52 2.21 9.06
C ASP A 84 21.74 2.57 7.81
N ASN A 85 22.39 3.23 6.85
CA ASN A 85 21.68 3.82 5.72
C ASN A 85 21.70 2.92 4.49
N ARG A 86 21.48 1.62 4.72
CA ARG A 86 21.44 0.61 3.67
C ARG A 86 20.02 0.35 3.17
N HIS A 87 19.02 0.92 3.84
CA HIS A 87 17.63 0.52 3.64
C HIS A 87 17.14 0.87 2.23
N GLY A 88 17.40 2.10 1.78
CA GLY A 88 16.96 2.52 0.46
C GLY A 88 17.63 1.76 -0.66
N THR A 89 18.91 1.41 -0.50
CA THR A 89 19.61 0.65 -1.52
C THR A 89 19.03 -0.75 -1.66
N ARG A 90 18.70 -1.38 -0.52
CA ARG A 90 18.02 -2.68 -0.57
C ARG A 90 16.68 -2.58 -1.28
N CYS A 91 15.90 -1.55 -0.96
CA CYS A 91 14.61 -1.38 -1.63
C CYS A 91 14.79 -1.16 -3.14
N ALA A 92 15.78 -0.37 -3.53
CA ALA A 92 15.95 -0.03 -4.94
C ALA A 92 16.28 -1.27 -5.77
N GLY A 93 17.13 -2.15 -5.24
CA GLY A 93 17.49 -3.36 -5.96
C GLY A 93 16.32 -4.30 -6.18
N GLU A 94 15.35 -4.31 -5.27
CA GLU A 94 14.16 -5.10 -5.50
C GLU A 94 13.41 -4.65 -6.74
N VAL A 95 13.37 -3.34 -6.97
CA VAL A 95 12.63 -2.82 -8.12
C VAL A 95 13.41 -3.05 -9.41
N ALA A 96 14.71 -2.70 -9.41
CA ALA A 96 15.36 -2.43 -10.67
C ALA A 96 16.84 -2.81 -10.68
N ALA A 97 17.24 -3.84 -9.94
CA ALA A 97 18.60 -4.34 -10.09
C ALA A 97 18.82 -4.84 -11.52
N VAL A 98 20.00 -4.53 -12.07
CA VAL A 98 20.29 -4.86 -13.46
C VAL A 98 20.30 -6.39 -13.67
N ALA A 99 19.85 -6.83 -14.84
CA ALA A 99 19.82 -8.25 -15.17
C ALA A 99 20.98 -8.62 -16.07
N ASN A 100 21.37 -9.90 -16.01
CA ASN A 100 22.32 -10.50 -16.97
C ASN A 100 23.67 -9.79 -16.96
N ASN A 101 24.11 -9.33 -15.78
CA ASN A 101 25.38 -8.64 -15.67
C ASN A 101 26.30 -9.34 -14.67
N GLY A 102 26.03 -10.60 -14.34
CA GLY A 102 26.92 -11.36 -13.46
C GLY A 102 27.00 -10.87 -12.04
N VAL A 103 26.07 -10.01 -11.61
CA VAL A 103 26.10 -9.41 -10.28
C VAL A 103 24.78 -9.68 -9.58
N CYS A 104 24.83 -10.24 -8.38
CA CYS A 104 23.70 -10.38 -7.44
C CYS A 104 22.50 -11.00 -8.18
N GLY A 105 21.28 -10.45 -8.01
CA GLY A 105 20.10 -10.97 -8.68
C GLY A 105 19.54 -9.98 -9.68
N VAL A 106 18.21 -9.87 -9.79
CA VAL A 106 17.59 -8.94 -10.73
C VAL A 106 16.42 -8.25 -10.04
N GLY A 107 16.13 -7.03 -10.49
CA GLY A 107 14.90 -6.38 -10.07
C GLY A 107 13.68 -6.96 -10.76
N VAL A 108 12.49 -6.72 -10.18
CA VAL A 108 11.26 -7.09 -10.85
C VAL A 108 11.18 -6.40 -12.21
N ALA A 109 11.55 -5.13 -12.25
CA ALA A 109 11.51 -4.34 -13.46
C ALA A 109 12.94 -3.96 -13.81
N TYR A 110 13.70 -4.96 -14.24
CA TYR A 110 15.15 -4.84 -14.31
C TYR A 110 15.62 -3.95 -15.45
N ASN A 111 14.72 -3.46 -16.30
CA ASN A 111 15.06 -2.44 -17.29
C ASN A 111 14.43 -1.10 -17.00
N ALA A 112 13.77 -0.94 -15.86
CA ALA A 112 13.22 0.35 -15.48
C ALA A 112 14.33 1.28 -15.02
N ARG A 113 14.02 2.58 -14.98
N ARG A 113 14.00 2.57 -14.97
CA ARG A 113 14.93 3.55 -14.40
CA ARG A 113 14.90 3.58 -14.40
C ARG A 113 14.61 3.73 -12.93
C ARG A 113 14.60 3.69 -12.91
N ILE A 114 15.66 3.79 -12.11
CA ILE A 114 15.53 3.77 -10.66
C ILE A 114 16.24 4.97 -10.05
N GLY A 115 15.55 5.68 -9.16
CA GLY A 115 16.14 6.75 -8.39
C GLY A 115 15.84 6.59 -6.91
N GLY A 116 16.42 7.50 -6.14
CA GLY A 116 16.13 7.49 -4.72
C GLY A 116 16.05 8.91 -4.18
N VAL A 117 15.16 9.15 -3.24
CA VAL A 117 15.12 10.42 -2.52
C VAL A 117 15.68 10.16 -1.12
N ARG A 118 16.79 10.83 -0.80
CA ARG A 118 17.36 10.75 0.54
C ARG A 118 16.55 11.69 1.42
N MET A 119 15.66 11.12 2.23
CA MET A 119 14.81 11.93 3.08
C MET A 119 14.58 11.37 4.48
N LEU A 120 15.00 10.13 4.78
CA LEU A 120 14.85 9.59 6.12
C LEU A 120 16.03 9.88 7.04
N ASP A 121 17.19 10.29 6.50
CA ASP A 121 18.41 10.42 7.30
C ASP A 121 18.46 11.83 7.88
N GLY A 122 17.60 12.06 8.85
CA GLY A 122 17.37 13.38 9.40
C GLY A 122 15.96 13.44 9.97
N GLU A 123 15.61 14.63 10.46
CA GLU A 123 14.27 14.81 11.02
C GLU A 123 13.25 14.83 9.88
N VAL A 124 12.29 13.90 9.95
CA VAL A 124 11.32 13.73 8.85
C VAL A 124 10.12 14.59 9.19
N THR A 125 10.16 15.85 8.75
CA THR A 125 9.08 16.79 8.95
C THR A 125 8.05 16.65 7.85
N ASP A 126 6.91 17.34 8.05
CA ASP A 126 5.88 17.41 7.02
C ASP A 126 6.45 17.96 5.72
N ALA A 127 7.24 19.06 5.82
CA ALA A 127 7.84 19.64 4.63
C ALA A 127 8.77 18.67 3.93
N VAL A 128 9.56 17.90 4.70
CA VAL A 128 10.46 16.91 4.10
C VAL A 128 9.67 15.87 3.32
N GLU A 129 8.59 15.36 3.91
CA GLU A 129 7.75 14.40 3.20
C GLU A 129 7.18 15.00 1.92
N ALA A 130 6.68 16.23 2.02
CA ALA A 130 6.01 16.83 0.87
C ALA A 130 6.98 17.06 -0.28
N ARG A 131 8.22 17.47 0.04
CA ARG A 131 9.20 17.70 -1.02
C ARG A 131 9.61 16.40 -1.69
N SER A 132 9.54 15.28 -0.96
CA SER A 132 9.88 13.97 -1.50
C SER A 132 8.74 13.40 -2.34
N LEU A 133 7.52 13.39 -1.79
CA LEU A 133 6.36 12.91 -2.52
C LEU A 133 6.08 13.75 -3.77
N GLY A 134 6.43 15.03 -3.74
CA GLY A 134 6.19 15.90 -4.88
C GLY A 134 7.39 16.11 -5.78
N LEU A 135 8.41 15.25 -5.69
CA LEU A 135 9.60 15.40 -6.52
C LEU A 135 9.32 15.04 -7.97
N ASN A 136 9.68 15.95 -8.88
N ASN A 136 9.67 15.94 -8.89
CA ASN A 136 9.64 15.75 -10.33
CA ASN A 136 9.66 15.71 -10.34
C ASN A 136 8.45 14.90 -10.77
C ASN A 136 8.46 14.88 -10.78
N PRO A 137 7.22 15.33 -10.48
CA PRO A 137 6.06 14.45 -10.71
C PRO A 137 5.70 14.26 -12.18
N ASN A 138 6.31 15.00 -13.11
CA ASN A 138 6.12 14.71 -14.52
C ASN A 138 7.23 13.83 -15.09
N HIS A 139 8.18 13.44 -14.27
CA HIS A 139 9.21 12.48 -14.67
C HIS A 139 9.09 11.16 -13.92
N ILE A 140 8.98 11.20 -12.59
CA ILE A 140 8.81 9.98 -11.80
C ILE A 140 7.39 9.46 -11.99
N HIS A 141 7.26 8.17 -12.28
CA HIS A 141 5.95 7.55 -12.43
C HIS A 141 5.43 6.94 -11.13
N ILE A 142 6.32 6.29 -10.39
CA ILE A 142 5.97 5.46 -9.25
C ILE A 142 6.89 5.82 -8.08
N TYR A 143 6.30 6.11 -6.93
CA TYR A 143 7.01 6.39 -5.69
C TYR A 143 6.81 5.22 -4.74
N SER A 144 7.90 4.77 -4.11
CA SER A 144 7.84 3.63 -3.18
C SER A 144 8.31 4.10 -1.81
N ALA A 145 7.51 3.83 -0.77
CA ALA A 145 7.82 4.28 0.58
C ALA A 145 7.74 3.11 1.56
N SER A 146 8.88 2.72 2.11
CA SER A 146 8.93 1.68 3.13
C SER A 146 9.25 2.31 4.48
N TRP A 147 8.41 3.24 4.91
CA TRP A 147 8.56 3.95 6.17
C TRP A 147 7.19 4.48 6.56
N GLY A 148 7.07 4.98 7.78
CA GLY A 148 5.84 5.58 8.21
C GLY A 148 5.85 5.90 9.68
N PRO A 149 4.67 6.22 10.21
CA PRO A 149 4.56 6.48 11.66
C PRO A 149 4.99 5.26 12.46
N GLU A 150 5.38 5.51 13.70
CA GLU A 150 5.92 4.46 14.56
C GLU A 150 4.92 3.31 14.69
N ASP A 151 5.44 2.08 14.59
CA ASP A 151 4.67 0.86 14.74
C ASP A 151 4.65 0.38 16.19
N ASP A 152 4.45 1.27 17.15
CA ASP A 152 4.40 0.85 18.54
C ASP A 152 3.02 0.37 18.95
N GLY A 153 2.04 0.43 18.04
CA GLY A 153 0.71 0.00 18.37
C GLY A 153 -0.05 0.94 19.25
N LYS A 154 0.43 2.18 19.43
CA LYS A 154 -0.36 3.18 20.14
C LYS A 154 -0.45 4.50 19.39
N THR A 155 0.20 4.62 18.24
CA THR A 155 0.21 5.86 17.47
C THR A 155 -0.98 5.91 16.50
N VAL A 156 -1.58 7.09 16.38
CA VAL A 156 -2.51 7.40 15.29
C VAL A 156 -1.97 8.62 14.59
N ASP A 157 -1.53 8.46 13.35
CA ASP A 157 -0.84 9.57 12.71
C ASP A 157 -0.90 9.36 11.21
N GLY A 158 -0.85 10.47 10.48
CA GLY A 158 -0.88 10.43 9.04
C GLY A 158 -0.26 11.67 8.46
N PRO A 159 -0.38 11.83 7.14
CA PRO A 159 0.22 13.00 6.49
C PRO A 159 -0.36 14.29 7.06
N ALA A 160 0.54 15.21 7.40
CA ALA A 160 0.13 16.56 7.76
C ALA A 160 -0.17 17.34 6.48
N ARG A 161 -0.35 18.67 6.58
CA ARG A 161 -1.00 19.40 5.49
C ARG A 161 -0.18 19.38 4.20
N LEU A 162 1.14 19.59 4.31
CA LEU A 162 1.94 19.64 3.09
C LEU A 162 2.01 18.28 2.41
N ALA A 163 2.15 17.22 3.20
CA ALA A 163 2.20 15.88 2.63
C ALA A 163 0.87 15.50 1.99
N GLU A 164 -0.23 15.84 2.63
CA GLU A 164 -1.52 15.55 2.02
C GLU A 164 -1.71 16.36 0.74
N GLU A 165 -1.31 17.63 0.76
CA GLU A 165 -1.33 18.42 -0.46
C GLU A 165 -0.46 17.78 -1.55
N ALA A 166 0.67 17.18 -1.16
CA ALA A 166 1.51 16.49 -2.14
C ALA A 166 0.80 15.29 -2.74
N PHE A 167 0.09 14.52 -1.91
CA PHE A 167 -0.70 13.40 -2.43
C PHE A 167 -1.75 13.89 -3.44
N PHE A 168 -2.48 14.96 -3.10
CA PHE A 168 -3.55 15.35 -4.02
C PHE A 168 -2.96 15.94 -5.30
N ARG A 169 -1.89 16.75 -5.18
CA ARG A 169 -1.23 17.27 -6.38
C ARG A 169 -0.68 16.13 -7.23
N GLY A 170 -0.12 15.11 -6.60
CA GLY A 170 0.43 13.99 -7.34
C GLY A 170 -0.64 13.22 -8.11
N VAL A 171 -1.74 12.87 -7.45
CA VAL A 171 -2.73 12.05 -8.17
C VAL A 171 -3.53 12.90 -9.16
N SER A 172 -3.61 14.21 -8.97
CA SER A 172 -4.42 15.04 -9.87
C SER A 172 -3.62 15.52 -11.08
N GLN A 173 -2.44 16.09 -10.85
CA GLN A 173 -1.64 16.66 -11.93
C GLN A 173 -0.41 15.84 -12.29
N GLY A 174 0.04 14.93 -11.42
CA GLY A 174 1.24 14.17 -11.73
C GLY A 174 1.07 13.25 -12.91
N ARG A 175 2.20 12.88 -13.51
CA ARG A 175 2.22 11.92 -14.62
C ARG A 175 1.26 12.35 -15.74
N GLY A 176 1.33 13.63 -16.08
CA GLY A 176 0.53 14.15 -17.17
C GLY A 176 -0.96 14.22 -16.89
N GLY A 177 -1.34 14.35 -15.61
CA GLY A 177 -2.73 14.30 -15.24
C GLY A 177 -3.27 12.91 -15.01
N LEU A 178 -2.48 11.86 -15.27
CA LEU A 178 -2.95 10.51 -14.98
C LEU A 178 -2.79 10.17 -13.51
N GLY A 179 -1.88 10.85 -12.80
CA GLY A 179 -1.72 10.66 -11.37
C GLY A 179 -0.52 9.84 -10.96
N SER A 180 0.31 10.40 -10.07
CA SER A 180 1.43 9.66 -9.50
C SER A 180 0.93 8.38 -8.84
N ILE A 181 1.73 7.31 -8.95
CA ILE A 181 1.44 6.06 -8.26
C ILE A 181 2.27 6.03 -6.98
N PHE A 182 1.59 6.00 -5.83
CA PHE A 182 2.25 5.92 -4.53
C PHE A 182 2.06 4.53 -3.94
N VAL A 183 3.16 3.82 -3.70
CA VAL A 183 3.15 2.47 -3.15
C VAL A 183 3.71 2.54 -1.73
N TRP A 184 3.00 1.94 -0.77
CA TRP A 184 3.34 2.04 0.65
C TRP A 184 3.44 0.68 1.30
N ALA A 185 4.42 0.53 2.19
CA ALA A 185 4.52 -0.69 3.00
C ALA A 185 3.52 -0.57 4.15
N SER A 186 2.71 -1.60 4.36
CA SER A 186 1.61 -1.46 5.31
C SER A 186 2.06 -1.41 6.76
N GLY A 187 3.27 -1.89 7.08
CA GLY A 187 3.74 -1.72 8.45
C GLY A 187 4.40 -2.93 9.07
N ASN A 188 5.22 -2.71 10.09
CA ASN A 188 5.93 -3.78 10.78
C ASN A 188 5.44 -3.98 12.21
N GLY A 189 4.23 -3.51 12.53
CA GLY A 189 3.78 -3.47 13.91
C GLY A 189 3.06 -4.71 14.41
N GLY A 190 3.23 -5.84 13.72
CA GLY A 190 2.49 -7.03 14.09
C GLY A 190 2.70 -7.47 15.54
N ARG A 191 3.95 -7.43 16.02
CA ARG A 191 4.23 -7.87 17.38
C ARG A 191 3.54 -6.97 18.42
N GLU A 192 3.29 -5.71 18.07
CA GLU A 192 2.57 -4.79 18.95
C GLU A 192 1.07 -4.79 18.70
N HIS A 193 0.57 -5.72 17.89
CA HIS A 193 -0.85 -5.76 17.51
C HIS A 193 -1.31 -4.41 16.95
N ASP A 194 -0.43 -3.79 16.14
CA ASP A 194 -0.77 -2.54 15.49
C ASP A 194 -1.80 -2.75 14.40
N SER A 195 -2.53 -1.69 14.08
CA SER A 195 -3.51 -1.67 13.00
C SER A 195 -3.04 -0.68 11.94
N CYS A 196 -2.93 -1.14 10.70
CA CYS A 196 -2.50 -0.23 9.65
C CYS A 196 -3.61 0.76 9.23
N ASN A 197 -4.80 0.70 9.83
CA ASN A 197 -5.74 1.80 9.63
C ASN A 197 -5.42 2.99 10.53
N CYS A 198 -4.55 2.84 11.52
CA CYS A 198 -4.14 3.95 12.37
C CYS A 198 -2.96 4.70 11.80
N ASP A 199 -2.66 4.45 10.53
CA ASP A 199 -1.54 5.00 9.79
C ASP A 199 -2.16 5.71 8.61
N GLY A 200 -2.08 7.05 8.57
CA GLY A 200 -2.75 7.78 7.49
C GLY A 200 -2.15 7.58 6.13
N TYR A 201 -0.89 7.11 6.04
CA TYR A 201 -0.26 6.91 4.74
C TYR A 201 -0.80 5.65 4.06
N THR A 202 -0.87 4.57 4.82
CA THR A 202 -1.41 3.31 4.29
C THR A 202 -2.92 3.41 4.12
N ASN A 203 -3.58 4.05 5.07
CA ASN A 203 -5.02 4.28 5.08
C ASN A 203 -5.49 5.23 3.98
N SER A 204 -4.58 5.97 3.35
CA SER A 204 -4.94 6.91 2.30
C SER A 204 -5.49 6.19 1.08
N ILE A 205 -6.48 6.80 0.42
CA ILE A 205 -6.95 6.21 -0.83
C ILE A 205 -5.92 6.40 -1.94
N TYR A 206 -4.98 7.35 -1.79
CA TYR A 206 -4.04 7.66 -2.85
C TYR A 206 -2.81 6.76 -2.85
N THR A 207 -2.68 5.86 -1.89
CA THR A 207 -1.57 4.91 -1.85
C THR A 207 -2.09 3.50 -2.03
N LEU A 208 -1.27 2.66 -2.66
CA LEU A 208 -1.51 1.22 -2.69
C LEU A 208 -0.75 0.63 -1.50
N SER A 209 -1.47 0.31 -0.43
CA SER A 209 -0.86 -0.25 0.76
C SER A 209 -0.67 -1.75 0.57
N ILE A 210 0.56 -2.23 0.76
CA ILE A 210 0.96 -3.59 0.42
C ILE A 210 1.40 -4.31 1.68
N SER A 211 0.82 -5.48 1.94
CA SER A 211 1.22 -6.33 3.05
C SER A 211 2.13 -7.48 2.57
N SER A 212 2.49 -8.36 3.49
CA SER A 212 3.50 -9.39 3.27
C SER A 212 2.96 -10.79 3.53
N ALA A 213 3.50 -11.77 2.82
CA ALA A 213 3.30 -13.18 3.14
C ALA A 213 4.64 -13.88 3.21
N THR A 214 4.75 -14.87 4.09
CA THR A 214 5.95 -15.68 4.17
C THR A 214 6.00 -16.68 3.01
N GLN A 215 7.18 -17.28 2.83
CA GLN A 215 7.36 -18.25 1.75
C GLN A 215 6.35 -19.38 1.81
N PHE A 216 6.04 -19.87 3.01
CA PHE A 216 5.08 -20.96 3.15
C PHE A 216 3.63 -20.47 3.15
N GLY A 217 3.38 -19.21 2.80
CA GLY A 217 2.02 -18.72 2.66
C GLY A 217 1.37 -18.26 3.94
N ASN A 218 2.15 -17.81 4.93
CA ASN A 218 1.56 -17.45 6.21
C ASN A 218 1.68 -15.95 6.47
N VAL A 219 0.93 -15.48 7.46
CA VAL A 219 0.96 -14.10 7.90
C VAL A 219 2.21 -13.90 8.74
N PRO A 220 3.19 -13.11 8.31
CA PRO A 220 4.44 -12.99 9.06
C PRO A 220 4.21 -12.36 10.43
N TRP A 221 5.18 -12.59 11.32
CA TRP A 221 5.08 -12.06 12.68
C TRP A 221 4.91 -10.55 12.70
N TYR A 222 5.50 -9.83 11.74
CA TYR A 222 5.48 -8.38 11.74
C TYR A 222 4.23 -7.79 11.08
N SER A 223 3.38 -8.61 10.47
CA SER A 223 2.26 -8.11 9.67
C SER A 223 1.23 -7.37 10.50
N GLU A 224 0.73 -6.25 9.96
CA GLU A 224 -0.40 -5.54 10.54
C GLU A 224 -1.64 -5.83 9.70
N ALA A 225 -2.76 -6.12 10.38
CA ALA A 225 -4.02 -6.33 9.70
C ALA A 225 -4.83 -5.03 9.71
N CYS A 226 -5.51 -4.74 8.59
CA CYS A 226 -6.46 -3.64 8.54
C CYS A 226 -7.22 -3.70 7.22
N SER A 227 -8.30 -2.90 7.14
CA SER A 227 -9.15 -2.90 5.96
C SER A 227 -8.59 -2.06 4.82
N SER A 228 -7.62 -1.17 5.08
CA SER A 228 -7.12 -0.31 4.02
C SER A 228 -6.10 -1.01 3.12
N THR A 229 -5.55 -2.14 3.55
CA THR A 229 -4.58 -2.85 2.73
C THR A 229 -5.23 -3.31 1.43
N LEU A 230 -4.50 -3.22 0.33
CA LEU A 230 -5.05 -3.58 -0.97
C LEU A 230 -4.58 -4.93 -1.47
N ALA A 231 -3.29 -5.27 -1.31
CA ALA A 231 -2.79 -6.54 -1.82
C ALA A 231 -1.49 -6.87 -1.09
N THR A 232 -0.83 -7.95 -1.53
CA THR A 232 0.27 -8.58 -0.82
C THR A 232 1.40 -8.96 -1.78
N THR A 233 2.64 -8.87 -1.30
CA THR A 233 3.74 -9.56 -1.96
C THR A 233 4.52 -10.36 -0.92
N TYR A 234 5.28 -11.33 -1.40
CA TYR A 234 6.12 -12.14 -0.51
C TYR A 234 7.19 -11.30 0.17
N SER A 235 7.54 -11.71 1.39
CA SER A 235 8.68 -11.17 2.12
C SER A 235 9.17 -12.22 3.10
N SER A 236 9.81 -11.80 4.18
CA SER A 236 10.45 -12.75 5.07
C SER A 236 9.44 -13.36 6.04
N GLY A 237 9.88 -14.42 6.71
CA GLY A 237 9.09 -15.13 7.70
C GLY A 237 9.99 -15.68 8.79
N ASN A 238 9.87 -16.97 9.09
CA ASN A 238 10.73 -17.59 10.10
C ASN A 238 12.08 -17.95 9.46
N GLN A 239 12.96 -18.56 10.26
CA GLN A 239 14.31 -18.80 9.78
C GLN A 239 14.44 -20.04 8.91
N ASN A 240 13.36 -20.81 8.73
CA ASN A 240 13.37 -21.84 7.71
C ASN A 240 12.85 -21.34 6.37
N GLU A 241 12.31 -20.13 6.32
CA GLU A 241 11.74 -19.57 5.11
C GLU A 241 12.77 -18.63 4.48
N LYS A 242 12.83 -18.63 3.15
CA LYS A 242 13.80 -17.79 2.46
C LYS A 242 13.38 -16.31 2.54
N GLN A 243 14.33 -15.44 2.20
CA GLN A 243 14.12 -14.01 2.33
C GLN A 243 14.33 -13.33 0.99
N ILE A 244 14.52 -12.02 0.98
CA ILE A 244 14.52 -11.25 -0.27
C ILE A 244 15.96 -10.94 -0.68
N VAL A 245 16.25 -11.09 -1.97
CA VAL A 245 17.60 -10.94 -2.51
C VAL A 245 17.72 -9.58 -3.17
N THR A 246 18.71 -8.79 -2.78
CA THR A 246 18.78 -7.45 -3.33
C THR A 246 20.18 -6.86 -3.15
N THR A 247 20.34 -5.64 -3.67
CA THR A 247 21.57 -4.88 -3.57
C THR A 247 21.75 -4.32 -2.17
N ASP A 248 22.97 -4.37 -1.66
CA ASP A 248 23.22 -3.90 -0.31
C ASP A 248 24.26 -2.79 -0.36
N LEU A 249 24.32 -2.04 0.73
CA LEU A 249 25.29 -0.96 0.85
C LEU A 249 26.72 -1.48 0.67
N ARG A 250 27.60 -0.59 0.20
CA ARG A 250 29.01 -0.91 -0.06
C ARG A 250 29.15 -1.95 -1.17
N GLN A 251 28.27 -1.85 -2.16
CA GLN A 251 28.39 -2.58 -3.42
C GLN A 251 28.27 -4.09 -3.22
N LYS A 252 27.53 -4.49 -2.18
CA LYS A 252 27.38 -5.89 -1.83
C LYS A 252 26.01 -6.42 -2.24
N CYS A 253 25.84 -7.71 -2.08
CA CYS A 253 24.60 -8.40 -2.37
C CYS A 253 24.12 -9.04 -1.08
N THR A 254 22.81 -8.96 -0.81
CA THR A 254 22.26 -9.56 0.40
C THR A 254 21.14 -10.50 0.03
N GLU A 255 21.04 -11.58 0.80
CA GLU A 255 19.94 -12.51 0.65
C GLU A 255 19.02 -12.46 1.85
N SER A 256 19.10 -11.40 2.65
CA SER A 256 18.40 -11.36 3.93
C SER A 256 17.68 -10.03 4.14
N HIS A 257 17.13 -9.47 3.07
CA HIS A 257 16.23 -8.31 3.21
C HIS A 257 14.87 -8.83 3.69
N THR A 258 14.23 -8.06 4.59
CA THR A 258 13.13 -8.59 5.38
C THR A 258 12.06 -7.54 5.63
N GLY A 259 10.91 -8.02 6.12
CA GLY A 259 9.87 -7.17 6.66
C GLY A 259 8.95 -6.57 5.63
N THR A 260 8.08 -5.70 6.13
CA THR A 260 7.19 -4.93 5.28
C THR A 260 7.98 -4.11 4.26
N SER A 261 9.19 -3.69 4.64
CA SER A 261 10.00 -2.83 3.78
C SER A 261 10.30 -3.47 2.43
N ALA A 262 10.36 -4.79 2.38
CA ALA A 262 10.65 -5.49 1.13
C ALA A 262 9.42 -5.68 0.26
N SER A 263 8.21 -5.65 0.84
CA SER A 263 7.03 -5.91 0.05
C SER A 263 6.65 -4.76 -0.88
N ALA A 264 6.70 -3.52 -0.38
CA ALA A 264 6.34 -2.39 -1.24
C ALA A 264 7.21 -2.30 -2.48
N PRO A 265 8.55 -2.40 -2.42
CA PRO A 265 9.34 -2.32 -3.66
C PRO A 265 9.00 -3.38 -4.69
N LEU A 266 8.69 -4.61 -4.24
CA LEU A 266 8.28 -5.64 -5.20
C LEU A 266 6.98 -5.27 -5.88
N ALA A 267 6.04 -4.70 -5.12
CA ALA A 267 4.81 -4.20 -5.73
C ALA A 267 5.10 -3.07 -6.70
N ALA A 268 5.99 -2.15 -6.32
CA ALA A 268 6.33 -1.05 -7.23
C ALA A 268 6.92 -1.57 -8.54
N GLY A 269 7.74 -2.62 -8.45
CA GLY A 269 8.29 -3.20 -9.68
C GLY A 269 7.22 -3.82 -10.55
N ILE A 270 6.29 -4.56 -9.94
CA ILE A 270 5.18 -5.15 -10.69
C ILE A 270 4.33 -4.06 -11.31
N ILE A 271 4.10 -2.96 -10.58
CA ILE A 271 3.35 -1.85 -11.14
C ILE A 271 4.11 -1.18 -12.28
N ALA A 272 5.44 -1.15 -12.19
CA ALA A 272 6.25 -0.63 -13.30
C ALA A 272 6.06 -1.46 -14.57
N LEU A 273 6.08 -2.79 -14.44
CA LEU A 273 5.79 -3.65 -15.60
C LEU A 273 4.42 -3.35 -16.18
N THR A 274 3.44 -3.17 -15.30
CA THR A 274 2.06 -2.88 -15.72
C THR A 274 1.98 -1.55 -16.46
N LEU A 275 2.66 -0.52 -15.96
CA LEU A 275 2.66 0.76 -16.64
C LEU A 275 3.32 0.65 -18.03
N GLU A 276 4.37 -0.18 -18.15
CA GLU A 276 4.97 -0.37 -19.46
C GLU A 276 3.95 -0.97 -20.43
N ALA A 277 3.10 -1.86 -19.93
CA ALA A 277 2.11 -2.50 -20.78
C ALA A 277 1.00 -1.55 -21.20
N ASN A 278 0.79 -0.45 -20.47
CA ASN A 278 -0.22 0.54 -20.85
C ASN A 278 0.13 1.83 -20.09
N LYS A 279 0.81 2.75 -20.78
CA LYS A 279 1.26 3.96 -20.12
C LYS A 279 0.12 4.93 -19.83
N ASN A 280 -1.08 4.67 -20.35
CA ASN A 280 -2.22 5.56 -20.17
C ASN A 280 -3.04 5.24 -18.93
N LEU A 281 -2.60 4.30 -18.11
CA LEU A 281 -3.35 3.93 -16.92
C LEU A 281 -3.33 5.05 -15.90
N THR A 282 -4.49 5.33 -15.29
CA THR A 282 -4.55 6.33 -14.23
C THR A 282 -4.22 5.69 -12.89
N TRP A 283 -4.04 6.54 -11.88
CA TRP A 283 -3.77 6.03 -10.54
C TRP A 283 -4.91 5.14 -10.05
N ARG A 284 -6.15 5.45 -10.44
CA ARG A 284 -7.27 4.60 -10.06
C ARG A 284 -7.34 3.34 -10.92
N ASP A 285 -7.07 3.45 -12.23
CA ASP A 285 -6.92 2.24 -13.05
C ASP A 285 -6.02 1.22 -12.38
N MET A 286 -4.88 1.68 -11.86
CA MET A 286 -3.90 0.76 -11.29
C MET A 286 -4.47 0.01 -10.11
N GLN A 287 -5.26 0.71 -9.27
CA GLN A 287 -5.86 0.02 -8.14
C GLN A 287 -6.91 -0.97 -8.61
N HIS A 288 -7.71 -0.61 -9.62
CA HIS A 288 -8.64 -1.57 -10.21
C HIS A 288 -7.93 -2.83 -10.70
N LEU A 289 -6.80 -2.66 -11.40
CA LEU A 289 -6.05 -3.83 -11.90
C LEU A 289 -5.60 -4.72 -10.75
N VAL A 290 -5.08 -4.11 -9.68
CA VAL A 290 -4.64 -4.87 -8.51
C VAL A 290 -5.81 -5.64 -7.91
N VAL A 291 -6.97 -4.99 -7.76
CA VAL A 291 -8.13 -5.67 -7.17
C VAL A 291 -8.52 -6.87 -8.01
N GLN A 292 -8.59 -6.70 -9.32
CA GLN A 292 -9.12 -7.74 -10.20
C GLN A 292 -8.16 -8.91 -10.36
N THR A 293 -6.85 -8.67 -10.30
CA THR A 293 -5.89 -9.72 -10.65
C THR A 293 -5.21 -10.41 -9.47
N SER A 294 -5.30 -9.86 -8.26
CA SER A 294 -4.57 -10.45 -7.15
C SER A 294 -5.19 -11.78 -6.74
N LYS A 295 -4.35 -12.64 -6.17
CA LYS A 295 -4.67 -14.06 -6.02
C LYS A 295 -4.65 -14.44 -4.55
N PRO A 296 -5.79 -14.84 -3.98
CA PRO A 296 -5.80 -15.33 -2.59
C PRO A 296 -5.17 -16.72 -2.41
N ALA A 297 -5.13 -17.53 -3.47
CA ALA A 297 -4.96 -18.97 -3.30
C ALA A 297 -3.74 -19.32 -2.46
N HIS A 298 -3.95 -20.20 -1.48
CA HIS A 298 -2.92 -20.78 -0.62
C HIS A 298 -2.27 -19.78 0.34
N LEU A 299 -2.72 -18.52 0.38
CA LEU A 299 -2.37 -17.66 1.50
C LEU A 299 -3.26 -18.01 2.68
N ASN A 300 -2.66 -18.36 3.81
CA ASN A 300 -3.39 -18.81 4.98
C ASN A 300 -3.77 -17.64 5.88
N ALA A 301 -5.07 -17.52 6.17
CA ALA A 301 -5.60 -16.52 7.10
C ALA A 301 -6.91 -17.06 7.66
N ASN A 302 -7.24 -16.65 8.89
CA ASN A 302 -8.51 -17.10 9.46
C ASN A 302 -9.66 -16.15 9.16
N ASP A 303 -9.45 -15.06 8.41
CA ASP A 303 -10.48 -14.07 8.19
C ASP A 303 -10.86 -13.90 6.72
N TRP A 304 -10.54 -14.87 5.85
CA TRP A 304 -10.94 -14.74 4.45
C TRP A 304 -12.45 -14.64 4.37
N ALA A 305 -12.94 -13.66 3.60
CA ALA A 305 -14.37 -13.45 3.41
C ALA A 305 -14.61 -13.11 1.95
N THR A 306 -15.78 -13.52 1.47
CA THR A 306 -16.19 -13.21 0.11
C THR A 306 -17.05 -11.95 0.16
N ASN A 307 -16.70 -10.94 -0.65
CA ASN A 307 -17.41 -9.67 -0.57
C ASN A 307 -18.64 -9.72 -1.49
N GLY A 308 -19.27 -8.57 -1.71
CA GLY A 308 -20.54 -8.53 -2.41
C GLY A 308 -20.44 -8.83 -3.89
N VAL A 309 -19.24 -8.78 -4.47
CA VAL A 309 -19.05 -9.11 -5.88
C VAL A 309 -18.23 -10.38 -6.04
N GLY A 310 -18.19 -11.21 -5.02
CA GLY A 310 -17.60 -12.53 -5.13
C GLY A 310 -16.10 -12.62 -4.98
N ARG A 311 -15.44 -11.54 -4.56
CA ARG A 311 -13.98 -11.56 -4.41
C ARG A 311 -13.61 -11.87 -2.96
N LYS A 312 -12.61 -12.72 -2.80
CA LYS A 312 -12.10 -13.05 -1.48
C LYS A 312 -11.21 -11.92 -0.99
N VAL A 313 -11.38 -11.53 0.27
CA VAL A 313 -10.61 -10.42 0.81
C VAL A 313 -10.27 -10.74 2.26
N SER A 314 -9.07 -10.34 2.68
CA SER A 314 -8.57 -10.60 4.02
C SER A 314 -7.96 -9.31 4.56
N HIS A 315 -8.06 -9.11 5.88
CA HIS A 315 -7.42 -7.95 6.47
C HIS A 315 -5.91 -8.11 6.55
N SER A 316 -5.41 -9.34 6.47
CA SER A 316 -3.96 -9.55 6.45
C SER A 316 -3.38 -9.34 5.05
N TYR A 317 -4.18 -9.56 4.00
CA TYR A 317 -3.65 -9.66 2.66
C TYR A 317 -4.35 -8.80 1.62
N GLY A 318 -5.43 -8.11 1.98
CA GLY A 318 -6.19 -7.40 0.95
C GLY A 318 -6.79 -8.42 0.00
N TYR A 319 -6.64 -8.18 -1.30
CA TYR A 319 -7.15 -9.09 -2.31
C TYR A 319 -6.20 -10.25 -2.63
N GLY A 320 -5.05 -10.31 -1.96
CA GLY A 320 -4.15 -11.43 -2.09
C GLY A 320 -2.83 -11.05 -2.73
N LEU A 321 -2.14 -12.07 -3.23
CA LEU A 321 -0.82 -11.88 -3.82
C LEU A 321 -0.91 -11.19 -5.18
N LEU A 322 -0.02 -10.23 -5.40
CA LEU A 322 0.08 -9.68 -6.75
C LEU A 322 0.50 -10.77 -7.73
N ASP A 323 0.04 -10.62 -8.97
CA ASP A 323 0.27 -11.54 -10.08
C ASP A 323 0.70 -10.70 -11.27
N ALA A 324 2.01 -10.64 -11.52
CA ALA A 324 2.54 -9.73 -12.52
C ALA A 324 2.07 -10.11 -13.93
N GLY A 325 2.07 -11.42 -14.23
CA GLY A 325 1.60 -11.84 -15.54
C GLY A 325 0.17 -11.43 -15.81
N ALA A 326 -0.69 -11.55 -14.80
CA ALA A 326 -2.09 -11.19 -14.97
C ALA A 326 -2.26 -9.68 -15.06
N MET A 327 -1.50 -8.94 -14.25
CA MET A 327 -1.52 -7.48 -14.31
C MET A 327 -1.18 -6.96 -15.71
N VAL A 328 -0.06 -7.41 -16.28
CA VAL A 328 0.35 -6.85 -17.56
C VAL A 328 -0.60 -7.29 -18.66
N ALA A 329 -1.17 -8.48 -18.53
CA ALA A 329 -2.12 -8.95 -19.54
C ALA A 329 -3.39 -8.11 -19.51
N LEU A 330 -3.97 -7.92 -18.32
CA LEU A 330 -5.20 -7.15 -18.21
C LEU A 330 -4.99 -5.68 -18.54
N ALA A 331 -3.80 -5.16 -18.29
CA ALA A 331 -3.52 -3.75 -18.56
C ALA A 331 -3.63 -3.41 -20.05
N GLN A 332 -3.27 -4.34 -20.93
CA GLN A 332 -3.02 -3.96 -22.32
C GLN A 332 -4.26 -3.38 -23.00
N ASN A 333 -5.43 -3.97 -22.78
CA ASN A 333 -6.65 -3.45 -23.38
C ASN A 333 -7.59 -2.83 -22.34
N TRP A 334 -7.02 -2.31 -21.25
CA TRP A 334 -7.83 -1.72 -20.18
C TRP A 334 -8.54 -0.47 -20.67
N THR A 335 -9.83 -0.36 -20.37
CA THR A 335 -10.62 0.84 -20.63
C THR A 335 -10.54 1.75 -19.40
N THR A 336 -10.05 2.97 -19.59
CA THR A 336 -9.92 3.94 -18.50
C THR A 336 -11.22 4.06 -17.72
N VAL A 337 -11.12 4.03 -16.38
CA VAL A 337 -12.31 4.18 -15.55
C VAL A 337 -12.88 5.60 -15.69
N ALA A 338 -14.18 5.71 -15.37
CA ALA A 338 -14.85 7.00 -15.39
C ALA A 338 -14.27 7.92 -14.32
N PRO A 339 -14.48 9.23 -14.44
CA PRO A 339 -13.96 10.15 -13.40
C PRO A 339 -14.52 9.78 -12.04
N GLN A 340 -13.72 10.01 -11.01
CA GLN A 340 -14.08 9.61 -9.66
C GLN A 340 -15.17 10.51 -9.09
N ARG A 341 -16.23 9.90 -8.57
CA ARG A 341 -17.28 10.60 -7.86
C ARG A 341 -17.09 10.43 -6.35
N LYS A 342 -17.63 11.38 -5.60
CA LYS A 342 -17.49 11.41 -4.15
C LYS A 342 -18.84 11.78 -3.55
N CYS A 343 -19.39 10.88 -2.75
CA CYS A 343 -20.71 11.06 -2.14
C CYS A 343 -20.51 11.13 -0.63
N ILE A 344 -20.84 12.27 -0.03
CA ILE A 344 -20.62 12.53 1.39
C ILE A 344 -21.95 12.36 2.12
N ILE A 345 -21.99 11.47 3.11
CA ILE A 345 -23.23 11.19 3.85
C ILE A 345 -22.97 11.40 5.33
N ASP A 346 -23.54 12.45 5.91
CA ASP A 346 -23.40 12.67 7.34
C ASP A 346 -24.45 11.82 8.04
N ILE A 347 -24.00 10.91 8.89
CA ILE A 347 -24.87 9.83 9.37
C ILE A 347 -25.65 10.25 10.61
N LEU A 348 -25.01 10.92 11.56
CA LEU A 348 -25.61 11.15 12.88
C LEU A 348 -26.54 12.36 12.90
N THR A 349 -27.63 12.24 13.66
CA THR A 349 -28.44 13.41 13.98
C THR A 349 -28.23 13.91 15.41
N GLU A 350 -27.45 13.19 16.21
CA GLU A 350 -27.16 13.53 17.60
C GLU A 350 -25.98 12.69 18.07
N PRO A 351 -25.20 13.16 19.04
CA PRO A 351 -24.12 12.32 19.58
C PRO A 351 -24.69 11.06 20.22
N LYS A 352 -23.85 10.02 20.28
CA LYS A 352 -24.24 8.72 20.78
C LYS A 352 -23.22 8.23 21.80
N ASP A 353 -23.68 7.90 23.00
N ASP A 353 -23.70 7.88 22.98
CA ASP A 353 -22.80 7.31 23.99
CA ASP A 353 -22.87 7.25 24.00
C ASP A 353 -22.37 5.91 23.54
C ASP A 353 -22.37 5.90 23.49
N ILE A 354 -21.08 5.62 23.69
CA ILE A 354 -20.54 4.34 23.23
C ILE A 354 -20.85 3.23 24.23
N GLY A 355 -20.54 3.45 25.51
CA GLY A 355 -20.79 2.43 26.50
C GLY A 355 -20.06 1.14 26.18
N LYS A 356 -20.73 0.01 26.39
CA LYS A 356 -20.11 -1.29 26.10
C LYS A 356 -20.18 -1.63 24.62
N ARG A 357 -21.21 -1.15 23.93
CA ARG A 357 -21.41 -1.46 22.52
C ARG A 357 -22.36 -0.44 21.91
N LEU A 358 -22.00 0.09 20.75
CA LEU A 358 -22.84 1.00 20.00
C LEU A 358 -22.98 0.48 18.58
N GLU A 359 -24.21 0.43 18.09
CA GLU A 359 -24.49 0.07 16.72
C GLU A 359 -25.26 1.20 16.07
N VAL A 360 -24.75 1.71 14.95
CA VAL A 360 -25.38 2.81 14.21
C VAL A 360 -25.76 2.28 12.83
N ARG A 361 -27.06 2.30 12.52
CA ARG A 361 -27.56 1.81 11.24
C ARG A 361 -28.07 2.98 10.40
N LYS A 362 -27.78 2.96 9.11
CA LYS A 362 -28.26 4.04 8.27
C LYS A 362 -28.46 3.53 6.85
N THR A 363 -29.63 3.77 6.29
CA THR A 363 -29.91 3.42 4.90
C THR A 363 -29.62 4.63 4.03
N VAL A 364 -28.76 4.45 3.03
CA VAL A 364 -28.31 5.56 2.19
C VAL A 364 -28.72 5.31 0.75
N THR A 365 -28.83 6.41 -0.02
CA THR A 365 -29.12 6.33 -1.44
C THR A 365 -27.87 6.56 -2.29
N ALA A 366 -26.74 6.89 -1.67
CA ALA A 366 -25.47 7.07 -2.37
C ALA A 366 -25.60 8.13 -3.46
N CYS A 367 -26.24 9.25 -3.09
CA CYS A 367 -26.35 10.42 -3.95
C CYS A 367 -27.19 10.16 -5.19
N LEU A 368 -28.19 9.29 -5.05
CA LEU A 368 -29.17 9.04 -6.11
C LEU A 368 -29.70 10.34 -6.68
N GLY A 369 -29.78 10.40 -8.01
CA GLY A 369 -30.32 11.54 -8.71
C GLY A 369 -29.37 12.70 -8.88
N GLU A 370 -28.15 12.58 -8.39
CA GLU A 370 -27.17 13.65 -8.41
C GLU A 370 -25.97 13.24 -9.26
N PRO A 371 -25.16 14.21 -9.70
CA PRO A 371 -24.00 13.85 -10.53
C PRO A 371 -22.96 13.02 -9.82
N ASN A 372 -22.99 12.96 -8.48
CA ASN A 372 -22.04 12.12 -7.75
C ASN A 372 -22.67 10.80 -7.29
N HIS A 373 -23.80 10.41 -7.87
CA HIS A 373 -24.38 9.09 -7.66
C HIS A 373 -23.35 8.00 -7.92
N ILE A 374 -23.18 7.10 -6.95
CA ILE A 374 -22.23 6.01 -7.03
C ILE A 374 -23.01 4.70 -6.98
N THR A 375 -22.90 3.90 -8.05
CA THR A 375 -23.38 2.52 -8.00
C THR A 375 -22.24 1.52 -7.95
N ARG A 376 -21.00 1.97 -8.11
CA ARG A 376 -19.82 1.11 -8.19
C ARG A 376 -18.77 1.68 -7.26
N LEU A 377 -18.68 1.11 -6.06
CA LEU A 377 -17.80 1.63 -5.03
C LEU A 377 -16.33 1.36 -5.35
N GLU A 378 -15.47 2.32 -5.00
CA GLU A 378 -14.05 2.03 -4.91
C GLU A 378 -13.70 2.00 -3.42
N HIS A 379 -13.08 3.06 -2.91
CA HIS A 379 -12.80 3.16 -1.48
C HIS A 379 -14.04 3.66 -0.74
N ALA A 380 -14.18 3.24 0.51
CA ALA A 380 -15.15 3.82 1.43
C ALA A 380 -14.44 4.23 2.70
N GLN A 381 -14.84 5.36 3.26
CA GLN A 381 -14.29 5.86 4.52
C GLN A 381 -15.42 6.05 5.51
N ALA A 382 -15.17 5.67 6.74
CA ALA A 382 -15.99 6.09 7.87
C ALA A 382 -15.16 7.12 8.65
N ARG A 383 -15.47 8.40 8.49
CA ARG A 383 -14.73 9.45 9.16
C ARG A 383 -15.37 9.66 10.53
N LEU A 384 -14.68 9.25 11.59
CA LEU A 384 -15.27 9.18 12.91
C LEU A 384 -14.63 10.22 13.84
N THR A 385 -15.47 10.90 14.60
CA THR A 385 -15.02 11.72 15.70
C THR A 385 -15.62 11.17 16.97
N LEU A 386 -14.79 10.81 17.94
CA LEU A 386 -15.29 10.22 19.18
C LEU A 386 -14.30 10.46 20.30
N SER A 387 -14.82 10.52 21.52
CA SER A 387 -14.03 10.50 22.72
C SER A 387 -14.10 9.11 23.35
N TYR A 388 -13.03 8.72 24.04
CA TYR A 388 -13.01 7.45 24.74
C TYR A 388 -11.86 7.51 25.75
N ASN A 389 -12.03 6.80 26.85
CA ASN A 389 -11.03 6.90 27.91
C ASN A 389 -9.80 6.01 27.66
N ARG A 390 -9.95 4.88 26.97
CA ARG A 390 -8.78 4.03 26.60
C ARG A 390 -8.97 3.54 25.17
N ARG A 391 -8.31 4.21 24.23
CA ARG A 391 -8.62 4.05 22.80
C ARG A 391 -8.42 2.61 22.34
N GLY A 392 -7.37 1.95 22.81
CA GLY A 392 -7.01 0.62 22.34
C GLY A 392 -7.97 -0.49 22.75
N ASP A 393 -8.91 -0.21 23.66
CA ASP A 393 -9.95 -1.17 23.96
C ASP A 393 -11.07 -1.19 22.92
N LEU A 394 -11.09 -0.21 22.02
CA LEU A 394 -12.15 -0.16 21.01
C LEU A 394 -11.89 -1.12 19.86
N ALA A 395 -12.96 -1.77 19.40
CA ALA A 395 -13.00 -2.42 18.11
C ALA A 395 -14.13 -1.81 17.29
N ILE A 396 -13.85 -1.53 16.02
CA ILE A 396 -14.81 -0.83 15.17
C ILE A 396 -14.99 -1.63 13.89
N HIS A 397 -16.25 -1.92 13.53
CA HIS A 397 -16.55 -2.63 12.30
C HIS A 397 -17.56 -1.83 11.49
N LEU A 398 -17.49 -2.02 10.17
CA LEU A 398 -18.40 -1.37 9.24
C LEU A 398 -18.92 -2.42 8.27
N VAL A 399 -20.25 -2.54 8.15
CA VAL A 399 -20.87 -3.55 7.30
C VAL A 399 -21.53 -2.84 6.12
N SER A 400 -21.18 -3.27 4.91
CA SER A 400 -21.74 -2.68 3.70
C SER A 400 -23.13 -3.25 3.43
N PRO A 401 -23.92 -2.59 2.57
CA PRO A 401 -25.24 -3.14 2.22
C PRO A 401 -25.17 -4.53 1.59
N MET A 402 -24.05 -4.88 0.96
N MET A 402 -24.06 -4.88 0.95
CA MET A 402 -23.90 -6.22 0.39
CA MET A 402 -23.94 -6.22 0.39
C MET A 402 -23.45 -7.25 1.41
C MET A 402 -23.38 -7.22 1.40
N GLY A 403 -23.34 -6.87 2.68
CA GLY A 403 -23.02 -7.80 3.74
C GLY A 403 -21.55 -7.93 4.07
N THR A 404 -20.68 -7.07 3.54
CA THR A 404 -19.24 -7.23 3.73
C THR A 404 -18.83 -6.49 5.00
N ARG A 405 -18.29 -7.22 5.96
CA ARG A 405 -17.93 -6.69 7.26
C ARG A 405 -16.44 -6.31 7.22
N SER A 406 -16.15 -5.01 7.26
CA SER A 406 -14.78 -4.52 7.32
C SER A 406 -14.43 -4.20 8.77
N THR A 407 -13.30 -4.73 9.24
CA THR A 407 -12.76 -4.31 10.53
C THR A 407 -12.05 -2.99 10.31
N LEU A 408 -12.66 -1.88 10.75
CA LEU A 408 -11.99 -0.60 10.68
C LEU A 408 -10.89 -0.49 11.71
N LEU A 409 -11.07 -1.11 12.88
CA LEU A 409 -10.11 -0.99 13.97
C LEU A 409 -10.24 -2.24 14.82
N ALA A 410 -9.14 -2.95 15.03
CA ALA A 410 -9.12 -4.03 16.00
C ALA A 410 -8.51 -3.52 17.31
N ALA A 411 -8.73 -4.27 18.38
CA ALA A 411 -8.17 -3.88 19.68
C ALA A 411 -6.66 -3.69 19.58
N ARG A 412 -6.16 -2.65 20.24
CA ARG A 412 -4.72 -2.37 20.31
C ARG A 412 -4.31 -2.33 21.77
N PRO A 413 -3.77 -3.43 22.30
CA PRO A 413 -3.52 -3.51 23.76
C PRO A 413 -2.63 -2.41 24.30
N HIS A 414 -1.69 -1.90 23.50
CA HIS A 414 -0.77 -0.88 23.98
C HIS A 414 -1.29 0.55 23.84
N ASP A 415 -2.44 0.75 23.18
CA ASP A 415 -2.94 2.10 22.95
C ASP A 415 -3.75 2.53 24.16
N TYR A 416 -3.10 3.22 25.09
CA TYR A 416 -3.74 3.69 26.31
C TYR A 416 -4.36 5.08 26.14
N SER A 417 -4.29 5.68 24.95
CA SER A 417 -4.62 7.09 24.79
C SER A 417 -6.05 7.41 25.20
N ALA A 418 -6.22 8.59 25.81
CA ALA A 418 -7.53 9.14 26.08
C ALA A 418 -7.92 10.20 25.06
N ASP A 419 -7.17 10.31 23.97
CA ASP A 419 -7.41 11.36 22.99
C ASP A 419 -8.43 10.99 21.92
N GLY A 420 -8.92 9.75 21.89
CA GLY A 420 -9.97 9.39 20.94
C GLY A 420 -9.54 9.54 19.49
N PHE A 421 -10.53 9.75 18.62
CA PHE A 421 -10.29 9.96 17.20
C PHE A 421 -10.90 11.27 16.76
N ASN A 422 -10.13 12.08 16.05
CA ASN A 422 -10.58 13.42 15.64
C ASN A 422 -10.77 13.41 14.12
N ASP A 423 -12.00 13.09 13.69
CA ASP A 423 -12.33 12.96 12.26
C ASP A 423 -11.33 12.08 11.53
N TRP A 424 -11.06 10.91 12.12
CA TRP A 424 -10.12 9.97 11.52
C TRP A 424 -10.82 9.18 10.42
N ALA A 425 -10.24 9.16 9.23
CA ALA A 425 -10.91 8.60 8.05
C ALA A 425 -10.56 7.12 7.84
N PHE A 426 -11.14 6.26 8.68
CA PHE A 426 -10.93 4.81 8.53
C PHE A 426 -11.36 4.36 7.14
N MET A 427 -10.49 3.66 6.43
CA MET A 427 -10.77 3.32 5.04
C MET A 427 -10.85 1.81 4.85
N THR A 428 -11.76 1.37 3.98
CA THR A 428 -11.80 -0.03 3.59
C THR A 428 -11.79 -0.16 2.08
N THR A 429 -11.00 -1.12 1.61
CA THR A 429 -10.98 -1.55 0.23
C THR A 429 -11.87 -2.77 -0.01
N HIS A 430 -12.47 -3.32 1.04
CA HIS A 430 -13.09 -4.64 0.94
C HIS A 430 -14.44 -4.64 0.22
N SER A 431 -15.02 -3.47 -0.06
CA SER A 431 -16.32 -3.39 -0.73
C SER A 431 -16.17 -2.85 -2.14
N TRP A 432 -14.95 -2.81 -2.65
CA TRP A 432 -14.65 -2.41 -4.02
C TRP A 432 -15.57 -3.10 -5.01
N ASP A 433 -16.17 -2.32 -5.90
CA ASP A 433 -17.11 -2.70 -6.97
C ASP A 433 -18.51 -3.04 -6.45
N GLU A 434 -18.77 -2.96 -5.15
CA GLU A 434 -20.12 -3.18 -4.64
C GLU A 434 -21.00 -1.96 -4.89
N ASP A 435 -22.31 -2.20 -4.96
CA ASP A 435 -23.28 -1.12 -4.97
C ASP A 435 -23.45 -0.63 -3.53
N PRO A 436 -23.14 0.62 -3.22
CA PRO A 436 -23.22 1.10 -1.83
C PRO A 436 -24.58 1.62 -1.40
N SER A 437 -25.61 1.55 -2.25
CA SER A 437 -26.95 1.94 -1.83
C SER A 437 -27.47 0.93 -0.81
N GLY A 438 -28.18 1.41 0.21
CA GLY A 438 -28.75 0.51 1.18
C GLY A 438 -28.26 0.71 2.61
N GLU A 439 -28.40 -0.30 3.44
CA GLU A 439 -28.13 -0.17 4.88
C GLU A 439 -26.64 -0.37 5.16
N TRP A 440 -26.00 0.64 5.73
CA TRP A 440 -24.67 0.52 6.31
C TRP A 440 -24.80 0.40 7.83
N VAL A 441 -23.94 -0.41 8.44
CA VAL A 441 -23.95 -0.60 9.88
C VAL A 441 -22.56 -0.31 10.43
N LEU A 442 -22.47 0.60 11.39
CA LEU A 442 -21.24 0.85 12.13
C LEU A 442 -21.37 0.24 13.52
N GLU A 443 -20.37 -0.53 13.92
CA GLU A 443 -20.32 -1.16 15.24
C GLU A 443 -19.08 -0.67 15.97
N ILE A 444 -19.27 -0.19 17.20
CA ILE A 444 -18.18 0.22 18.08
C ILE A 444 -18.33 -0.55 19.38
N GLU A 445 -17.31 -1.29 19.78
CA GLU A 445 -17.47 -2.05 21.01
C GLU A 445 -16.23 -1.95 21.88
N ASN A 446 -16.48 -2.05 23.18
CA ASN A 446 -15.44 -2.17 24.19
C ASN A 446 -15.07 -3.65 24.28
N THR A 447 -13.83 -3.97 23.93
CA THR A 447 -13.38 -5.37 23.95
C THR A 447 -12.81 -5.79 25.30
N SER A 448 -12.79 -4.89 26.28
CA SER A 448 -12.27 -5.18 27.60
C SER A 448 -13.40 -5.24 28.62
N GLU A 449 -13.07 -5.79 29.79
CA GLU A 449 -14.04 -5.81 30.89
C GLU A 449 -14.10 -4.49 31.65
N ALA A 450 -13.23 -3.53 31.35
CA ALA A 450 -13.20 -2.29 32.08
C ALA A 450 -14.45 -1.45 31.79
N ASN A 451 -14.82 -0.62 32.76
CA ASN A 451 -15.99 0.25 32.59
C ASN A 451 -15.54 1.51 31.87
N ASN A 452 -15.39 1.38 30.56
CA ASN A 452 -14.94 2.49 29.73
C ASN A 452 -16.11 3.38 29.34
N TYR A 453 -15.80 4.57 28.82
CA TYR A 453 -16.84 5.55 28.54
C TYR A 453 -16.40 6.49 27.44
N GLY A 454 -17.36 6.93 26.63
CA GLY A 454 -17.07 7.90 25.60
C GLY A 454 -18.31 8.14 24.76
N THR A 455 -18.13 8.95 23.72
CA THR A 455 -19.23 9.44 22.90
C THR A 455 -18.79 9.54 21.46
N LEU A 456 -19.62 9.02 20.55
CA LEU A 456 -19.43 9.23 19.11
C LEU A 456 -20.19 10.50 18.73
N THR A 457 -19.46 11.52 18.25
CA THR A 457 -20.09 12.79 17.91
C THR A 457 -20.19 13.06 16.42
N LYS A 458 -19.43 12.37 15.57
CA LYS A 458 -19.60 12.54 14.13
C LYS A 458 -19.24 11.25 13.41
N PHE A 459 -20.06 10.90 12.42
CA PHE A 459 -19.83 9.75 11.56
C PHE A 459 -20.20 10.21 10.15
N THR A 460 -19.20 10.53 9.34
CA THR A 460 -19.38 10.83 7.93
C THR A 460 -18.99 9.59 7.13
N LEU A 461 -19.94 9.06 6.39
CA LEU A 461 -19.63 7.99 5.44
C LEU A 461 -19.27 8.63 4.11
N VAL A 462 -18.03 8.41 3.65
CA VAL A 462 -17.58 8.98 2.39
C VAL A 462 -17.37 7.86 1.40
N LEU A 463 -18.13 7.91 0.31
CA LEU A 463 -18.08 6.90 -0.75
C LEU A 463 -17.37 7.49 -1.96
N TYR A 464 -16.45 6.73 -2.54
CA TYR A 464 -15.82 7.07 -3.79
C TYR A 464 -16.16 6.00 -4.82
N GLY A 465 -16.31 6.41 -6.07
CA GLY A 465 -16.50 5.42 -7.12
C GLY A 465 -17.15 6.02 -8.35
N THR A 466 -17.86 5.17 -9.10
CA THR A 466 -18.43 5.55 -10.38
C THR A 466 -19.85 5.01 -10.49
N ALA A 467 -20.47 5.24 -11.64
CA ALA A 467 -21.80 4.68 -11.90
C ALA A 467 -21.83 3.89 -13.21
N SER A 468 -20.72 3.28 -13.59
CA SER A 468 -20.70 2.56 -14.86
C SER A 468 -19.55 1.56 -14.86
N GLY A 469 -19.68 0.55 -15.74
CA GLY A 469 -18.57 -0.28 -16.12
C GLY A 469 -18.37 -1.56 -15.33
N SER A 470 -19.40 -2.06 -14.65
CA SER A 470 -19.21 -3.20 -13.76
C SER A 470 -19.00 -4.50 -14.54
N LEU A 471 -18.33 -5.44 -13.89
CA LEU A 471 -18.15 -6.81 -14.35
C LEU A 471 -19.18 -7.71 -13.68
N VAL A 472 -19.50 -8.82 -14.35
CA VAL A 472 -20.28 -9.86 -13.67
C VAL A 472 -19.50 -10.34 -12.45
N PRO A 473 -20.14 -10.45 -11.28
CA PRO A 473 -19.39 -10.81 -10.06
C PRO A 473 -18.66 -12.14 -10.19
N ARG A 474 -17.50 -12.22 -9.55
CA ARG A 474 -16.61 -13.38 -9.59
C ARG A 474 -17.28 -14.69 -9.18
N ARG B 1 9.73 10.90 14.45
CA ARG B 1 8.37 11.10 13.83
C ARG B 1 8.10 10.12 12.86
N ARG B 2 9.12 9.65 12.02
CA ARG B 2 8.87 8.59 11.00
C ARG B 2 9.88 7.63 11.11
N LYS B 3 9.61 6.28 10.83
CA LYS B 3 10.60 5.18 10.98
C LYS B 3 10.72 4.40 9.84
N LYS B 4 11.94 3.85 9.61
CA LYS B 4 12.19 2.90 8.50
C LYS B 4 11.32 1.68 8.77
N23 00S B 5 10.65 1.15 7.75
C16 00S B 5 9.72 0.01 7.95
C17 00S B 5 8.40 0.53 8.00
C22 00S B 5 7.53 0.47 6.91
C21 00S B 5 6.23 1.01 6.98
C24 00S B 5 5.74 1.61 8.15
C27 00S B 5 4.44 2.15 8.24
N35 00S B 5 4.06 2.79 9.35
N34 00S B 5 3.61 2.04 7.19
C19 00S B 5 6.62 1.66 9.24
C18 00S B 5 7.91 1.15 9.16
CA CA C . 23.72 14.48 -0.82
CA CA D . 22.21 -8.31 -11.47
CA CA E . 1.66 0.57 11.88
NA NA F . -3.64 3.24 0.84
NA NA G . -5.91 14.43 -13.41
NA NA H . -28.34 -1.95 -1.81
CL CL I . -11.48 13.94 -1.84
P PO4 J . 14.19 -19.35 -10.26
O1 PO4 J . 15.67 -19.64 -10.41
O2 PO4 J . 14.01 -18.05 -9.50
O3 PO4 J . 13.57 -19.24 -11.63
O4 PO4 J . 13.53 -20.46 -9.47
P PO4 K . 17.86 -22.94 9.96
O1 PO4 K . 18.82 -22.34 10.95
O2 PO4 K . 17.99 -24.43 9.99
O3 PO4 K . 16.47 -22.56 10.36
O4 PO4 K . 18.14 -22.41 8.58
S DMS L . -6.39 10.82 16.50
O DMS L . -7.50 11.15 15.54
C1 DMS L . -4.84 11.48 15.83
C2 DMS L . -6.59 11.94 17.92
C1 PTD M . 9.97 9.71 15.15
C2 PTD M . 11.24 9.47 15.73
C3 PTD M . 11.18 9.18 17.25
C4 PTD M . 10.25 8.00 17.64
C5 PTD M . 10.70 6.76 17.18
O1 PTD M . 9.08 8.87 15.20
O5 PTD M . 11.25 5.97 17.94
#